data_8PPA
#
_entry.id   8PPA
#
_cell.length_a   72.653
_cell.length_b   97.919
_cell.length_c   192.066
_cell.angle_alpha   90.00
_cell.angle_beta   90.00
_cell.angle_gamma   90.00
#
_symmetry.space_group_name_H-M   'C 2 2 21'
#
loop_
_entity.id
_entity.type
_entity.pdbx_description
1 polymer 'Inositol-trisphosphate 3-kinase A'
2 non-polymer 'PHOSPHOAMINOPHOSPHONIC ACID-ADENYLATE ESTER'
3 non-polymer 'D-myo-inositol 1,4,6-trisphosphate'
4 non-polymer 'SULFATE ION'
5 non-polymer 'MANGANESE (II) ION'
6 water water
#
_entity_poly.entity_id   1
_entity_poly.type   'polypeptide(L)'
_entity_poly.pdbx_seq_one_letter_code
;GSHMSWVQLAGHTGSFKAAGTSGLILKRCSEPERYCLARLMADALRGCVPAFHGVVERDGESYLQLQDLLDGFDGPCVLD
CKMGVRTYLEEELTKARERPKLRKDMYKKMLAVDPEAPTEEEHAQRAVTKPRYMQWREGISSSTTLGFRIEGIKKADGSC
STDFKTTRSREQVLRVFEEFVQGDEEVLRRYLNRLQQIRDTLEVSEFFRRHEVIGSSLLFVHDHCHRAGVWLIDFGKTTP
LPDGQILDHRRPWEEGNREDGYLLGLDNLIGILASLAER
;
_entity_poly.pdbx_strand_id   A,B
#
loop_
_chem_comp.id
_chem_comp.type
_chem_comp.name
_chem_comp.formula
06G non-polymer 'D-myo-inositol 1,4,6-trisphosphate' 'C6 H15 O15 P3'
ANP non-polymer 'PHOSPHOAMINOPHOSPHONIC ACID-ADENYLATE ESTER' 'C10 H17 N6 O12 P3'
MN non-polymer 'MANGANESE (II) ION' 'Mn 2'
SO4 non-polymer 'SULFATE ION' 'O4 S -2'
#
# COMPACT_ATOMS: atom_id res chain seq x y z
N GLY A 1 3.71 11.01 -13.88
CA GLY A 1 3.04 12.34 -14.02
C GLY A 1 3.28 13.22 -12.80
N SER A 2 2.55 12.96 -11.71
CA SER A 2 2.73 13.67 -10.41
C SER A 2 2.60 12.67 -9.26
N HIS A 3 3.21 12.97 -8.11
CA HIS A 3 3.10 12.15 -6.87
C HIS A 3 1.70 12.31 -6.27
N MET A 4 1.16 13.54 -6.26
CA MET A 4 -0.20 13.86 -5.72
C MET A 4 -1.28 13.05 -6.46
N SER A 5 -1.11 12.80 -7.77
CA SER A 5 -1.96 11.90 -8.59
C SER A 5 -2.09 10.53 -7.90
N TRP A 6 -0.97 9.94 -7.47
CA TRP A 6 -0.91 8.63 -6.76
C TRP A 6 -1.55 8.79 -5.37
N VAL A 7 -1.21 9.86 -4.63
CA VAL A 7 -1.72 10.15 -3.27
C VAL A 7 -3.25 10.21 -3.31
N GLN A 8 -3.82 10.87 -4.33
CA GLN A 8 -5.28 10.94 -4.59
C GLN A 8 -5.80 9.53 -4.91
N LEU A 9 -5.22 8.88 -5.92
CA LEU A 9 -5.53 7.48 -6.30
C LEU A 9 -4.95 6.54 -5.23
N GLY A 14 1.39 11.96 4.87
CA GLY A 14 0.63 13.17 4.47
C GLY A 14 1.39 14.46 4.76
N SER A 15 2.69 14.51 4.46
CA SER A 15 3.52 15.74 4.55
C SER A 15 3.51 16.46 3.20
N PHE A 16 2.79 15.93 2.19
CA PHE A 16 2.80 16.43 0.79
C PHE A 16 1.45 17.09 0.43
N LYS A 17 1.52 18.10 -0.44
CA LYS A 17 0.36 18.89 -0.92
C LYS A 17 0.61 19.31 -2.38
N ALA A 18 -0.45 19.34 -3.20
CA ALA A 18 -0.42 19.77 -4.61
C ALA A 18 0.08 21.21 -4.68
N ALA A 19 1.03 21.50 -5.57
CA ALA A 19 1.55 22.86 -5.88
C ALA A 19 0.71 23.47 -7.01
N GLY A 20 0.59 24.81 -7.03
CA GLY A 20 -0.15 25.55 -8.08
C GLY A 20 0.53 25.44 -9.43
N THR A 21 1.86 25.52 -9.45
CA THR A 21 2.73 25.45 -10.65
C THR A 21 2.82 23.99 -11.14
N SER A 22 2.87 23.80 -12.46
CA SER A 22 3.05 22.46 -13.09
C SER A 22 4.45 21.95 -12.75
N GLY A 23 4.58 20.63 -12.52
CA GLY A 23 5.89 19.97 -12.34
C GLY A 23 6.48 20.19 -10.95
N LEU A 24 5.73 20.82 -10.03
CA LEU A 24 6.17 21.05 -8.64
C LEU A 24 5.28 20.28 -7.66
N ILE A 25 5.78 20.10 -6.45
CA ILE A 25 5.08 19.46 -5.31
C ILE A 25 5.50 20.21 -4.04
N LEU A 26 4.60 20.29 -3.06
CA LEU A 26 4.86 20.93 -1.75
C LEU A 26 5.07 19.86 -0.69
N LYS A 27 6.11 20.03 0.14
CA LYS A 27 6.40 19.16 1.30
C LYS A 27 6.46 20.03 2.55
N ARG A 28 5.82 19.57 3.64
CA ARG A 28 5.83 20.30 4.93
C ARG A 28 7.27 20.70 5.24
N CYS A 29 7.53 21.99 5.43
CA CYS A 29 8.86 22.55 5.76
C CYS A 29 9.31 22.08 7.15
N SER A 30 10.56 21.66 7.25
CA SER A 30 11.27 21.24 8.48
C SER A 30 12.61 21.97 8.44
N GLU A 31 13.10 22.48 9.57
CA GLU A 31 14.27 23.38 9.57
C GLU A 31 15.49 22.67 9.00
N PRO A 32 15.79 21.42 9.44
CA PRO A 32 16.97 20.71 8.98
C PRO A 32 16.89 20.49 7.45
N GLU A 33 15.73 20.06 6.97
CA GLU A 33 15.55 19.74 5.53
C GLU A 33 15.69 21.02 4.69
N ARG A 34 15.08 22.12 5.13
CA ARG A 34 15.20 23.40 4.37
C ARG A 34 16.67 23.82 4.29
N TYR A 35 17.39 23.76 5.41
CA TYR A 35 18.84 24.10 5.49
C TYR A 35 19.60 23.24 4.46
N CYS A 36 19.32 21.94 4.46
CA CYS A 36 20.00 20.96 3.57
C CYS A 36 19.72 21.26 2.10
N LEU A 37 18.46 21.41 1.70
CA LEU A 37 18.11 21.63 0.28
C LEU A 37 18.75 22.93 -0.22
N ALA A 38 18.76 23.99 0.60
CA ALA A 38 19.43 25.25 0.18
C ALA A 38 20.92 24.98 -0.12
N ARG A 39 21.63 24.29 0.77
CA ARG A 39 23.07 23.95 0.62
C ARG A 39 23.22 23.11 -0.65
N LEU A 40 22.32 22.16 -0.86
CA LEU A 40 22.47 21.14 -1.93
C LEU A 40 22.37 21.80 -3.32
N MET A 41 21.56 22.85 -3.48
CA MET A 41 21.40 23.55 -4.77
C MET A 41 22.73 24.19 -5.20
N ALA A 42 23.67 24.42 -4.27
CA ALA A 42 25.00 25.02 -4.56
C ALA A 42 26.13 23.98 -4.46
N ASP A 43 25.78 22.71 -4.34
CA ASP A 43 26.74 21.62 -4.06
C ASP A 43 26.93 20.81 -5.35
N ALA A 44 27.95 19.96 -5.39
CA ALA A 44 28.16 18.94 -6.46
C ALA A 44 26.89 18.10 -6.62
N LEU A 45 26.13 17.90 -5.54
CA LEU A 45 24.95 16.98 -5.56
C LEU A 45 23.70 17.65 -6.11
N ARG A 46 23.80 18.87 -6.62
CA ARG A 46 22.64 19.67 -7.11
C ARG A 46 21.73 18.81 -8.00
N GLY A 47 22.33 18.08 -8.93
CA GLY A 47 21.58 17.33 -9.96
C GLY A 47 21.05 16.00 -9.44
N CYS A 48 21.47 15.58 -8.25
CA CYS A 48 21.17 14.24 -7.67
C CYS A 48 19.98 14.33 -6.72
N VAL A 49 19.44 15.53 -6.55
CA VAL A 49 18.35 15.82 -5.59
C VAL A 49 17.28 16.61 -6.34
N PRO A 50 16.03 16.62 -5.84
CA PRO A 50 14.97 17.41 -6.47
C PRO A 50 15.33 18.88 -6.35
N ALA A 51 15.04 19.64 -7.40
CA ALA A 51 15.16 21.10 -7.42
C ALA A 51 14.35 21.68 -6.24
N PHE A 52 14.98 22.57 -5.49
CA PHE A 52 14.35 23.29 -4.36
C PHE A 52 14.18 24.75 -4.79
N HIS A 53 12.95 25.24 -4.79
CA HIS A 53 12.60 26.59 -5.34
C HIS A 53 12.34 27.60 -4.22
N GLY A 54 12.53 27.21 -2.97
CA GLY A 54 12.24 28.08 -1.81
C GLY A 54 11.00 27.62 -1.05
N VAL A 55 10.49 28.48 -0.17
CA VAL A 55 9.37 28.14 0.76
C VAL A 55 8.15 28.96 0.36
N VAL A 56 6.96 28.36 0.43
CA VAL A 56 5.66 29.07 0.23
C VAL A 56 4.75 28.80 1.44
N GLU A 57 3.87 29.75 1.74
CA GLU A 57 2.85 29.68 2.83
C GLU A 57 1.54 29.19 2.22
N ARG A 58 0.90 28.18 2.82
CA ARG A 58 -0.40 27.64 2.35
C ARG A 58 -1.24 27.19 3.56
N ASP A 59 -2.38 27.85 3.77
CA ASP A 59 -3.30 27.59 4.91
C ASP A 59 -2.52 27.80 6.22
N GLY A 60 -1.80 28.92 6.30
CA GLY A 60 -1.00 29.36 7.46
C GLY A 60 0.09 28.37 7.86
N GLU A 61 0.68 27.64 6.90
CA GLU A 61 1.76 26.65 7.16
C GLU A 61 2.84 26.77 6.08
N SER A 62 4.09 26.47 6.44
CA SER A 62 5.28 26.62 5.55
C SER A 62 5.51 25.33 4.75
N TYR A 63 5.71 25.45 3.44
CA TYR A 63 5.98 24.29 2.55
C TYR A 63 7.23 24.54 1.70
N LEU A 64 8.04 23.50 1.56
CA LEU A 64 9.13 23.44 0.55
C LEU A 64 8.48 23.27 -0.83
N GLN A 65 8.85 24.11 -1.79
CA GLN A 65 8.47 24.00 -3.22
C GLN A 65 9.54 23.14 -3.91
N LEU A 66 9.19 21.89 -4.24
CA LEU A 66 10.14 20.90 -4.80
C LEU A 66 9.73 20.55 -6.23
N GLN A 67 10.72 20.26 -7.04
CA GLN A 67 10.52 19.49 -8.28
C GLN A 67 9.66 18.25 -7.97
N ASP A 68 8.64 18.01 -8.78
CA ASP A 68 7.91 16.71 -8.81
C ASP A 68 8.73 15.75 -9.66
N LEU A 69 9.38 14.79 -9.02
CA LEU A 69 10.32 13.86 -9.70
C LEU A 69 9.56 12.95 -10.66
N LEU A 70 8.23 12.80 -10.49
CA LEU A 70 7.43 11.93 -11.38
C LEU A 70 7.01 12.67 -12.66
N ASP A 71 7.21 13.98 -12.76
CA ASP A 71 6.71 14.82 -13.88
C ASP A 71 7.16 14.28 -15.25
N GLY A 72 8.42 13.89 -15.41
CA GLY A 72 8.95 13.48 -16.74
C GLY A 72 8.38 12.15 -17.25
N PHE A 73 7.70 11.39 -16.41
CA PHE A 73 7.44 9.94 -16.62
C PHE A 73 5.99 9.70 -17.06
N ASP A 74 5.78 8.68 -17.88
CA ASP A 74 4.44 8.25 -18.35
C ASP A 74 4.02 6.99 -17.57
N GLY A 75 3.25 7.16 -16.50
CA GLY A 75 2.80 6.08 -15.60
C GLY A 75 3.99 5.47 -14.85
N PRO A 76 4.69 6.28 -14.02
CA PRO A 76 5.90 5.82 -13.34
C PRO A 76 5.68 4.70 -12.31
N CYS A 77 6.65 3.76 -12.26
CA CYS A 77 6.92 2.77 -11.20
C CYS A 77 7.94 3.41 -10.25
N VAL A 78 7.77 3.27 -8.94
CA VAL A 78 8.59 4.01 -7.95
C VAL A 78 9.05 3.02 -6.89
N LEU A 79 10.33 3.02 -6.56
CA LEU A 79 10.85 2.22 -5.42
C LEU A 79 11.62 3.16 -4.50
N ASP A 80 11.28 3.14 -3.20
CA ASP A 80 11.94 3.98 -2.18
C ASP A 80 12.90 3.10 -1.40
N CYS A 81 14.18 3.48 -1.36
CA CYS A 81 15.27 2.71 -0.74
C CYS A 81 15.86 3.55 0.40
N LYS A 82 15.61 3.20 1.67
CA LYS A 82 16.20 3.95 2.82
C LYS A 82 17.68 3.63 3.00
N MET A 83 18.54 4.66 2.99
CA MET A 83 20.00 4.47 2.94
C MET A 83 20.61 4.62 4.33
N GLY A 84 21.54 3.75 4.66
CA GLY A 84 22.37 3.85 5.87
C GLY A 84 22.29 2.57 6.68
N VAL A 85 23.34 2.29 7.46
CA VAL A 85 23.33 1.17 8.44
C VAL A 85 22.55 1.60 9.68
N ARG A 86 22.55 2.90 9.99
CA ARG A 86 21.80 3.46 11.14
C ARG A 86 20.71 4.39 10.60
N THR A 87 19.54 4.40 11.25
CA THR A 87 18.31 5.04 10.72
C THR A 87 17.69 5.99 11.76
N TYR A 88 18.45 6.32 12.80
CA TYR A 88 18.06 7.25 13.89
C TYR A 88 19.30 8.07 14.29
N LEU A 89 19.06 9.26 14.84
CA LEU A 89 20.13 10.18 15.30
C LEU A 89 20.71 9.68 16.64
N GLU A 90 21.98 9.95 16.88
CA GLU A 90 22.66 9.56 18.15
C GLU A 90 21.95 10.21 19.34
N GLU A 91 21.37 11.40 19.16
CA GLU A 91 20.69 12.16 20.25
C GLU A 91 19.48 11.36 20.76
N GLU A 92 18.92 10.45 19.96
CA GLU A 92 17.81 9.58 20.41
C GLU A 92 18.31 8.60 21.48
N LEU A 93 19.55 8.14 21.38
CA LEU A 93 20.14 7.19 22.36
C LEU A 93 20.28 7.88 23.71
N THR A 94 20.73 9.14 23.71
CA THR A 94 20.87 10.00 24.92
C THR A 94 19.48 10.21 25.55
N LYS A 95 18.47 10.58 24.75
CA LYS A 95 17.11 10.87 25.27
C LYS A 95 16.51 9.59 25.89
N ALA A 96 16.73 8.44 25.27
CA ALA A 96 16.19 7.13 25.71
C ALA A 96 16.83 6.71 27.04
N ARG A 97 18.04 7.18 27.33
CA ARG A 97 18.78 6.87 28.58
C ARG A 97 18.31 7.80 29.72
N GLU A 98 18.22 9.09 29.45
CA GLU A 98 18.00 10.15 30.46
C GLU A 98 16.51 10.35 30.70
N ARG A 99 15.67 10.00 29.71
CA ARG A 99 14.26 10.46 29.66
C ARG A 99 13.49 9.67 28.60
N PRO A 100 13.41 8.33 28.71
CA PRO A 100 12.78 7.53 27.67
C PRO A 100 11.32 7.93 27.41
N LYS A 101 10.96 8.08 26.16
CA LYS A 101 9.56 8.16 25.67
C LYS A 101 9.14 6.74 25.25
N LEU A 102 8.42 6.04 26.12
CA LEU A 102 7.95 4.66 25.81
C LEU A 102 6.88 4.76 24.72
N ARG A 103 6.99 3.89 23.70
CA ARG A 103 6.12 3.90 22.48
C ARG A 103 5.33 2.60 22.44
N LYS A 104 4.03 2.65 22.74
CA LYS A 104 3.15 1.44 22.79
C LYS A 104 2.95 0.94 21.35
N ASP A 105 2.83 1.86 20.38
CA ASP A 105 2.65 1.52 18.95
C ASP A 105 3.85 0.72 18.45
N MET A 106 5.06 1.16 18.79
CA MET A 106 6.28 0.48 18.32
C MET A 106 6.34 -0.91 18.93
N TYR A 107 5.91 -1.11 20.19
CA TYR A 107 5.80 -2.46 20.81
C TYR A 107 4.90 -3.34 19.94
N LYS A 108 3.72 -2.84 19.58
CA LYS A 108 2.72 -3.61 18.80
C LYS A 108 3.32 -4.02 17.44
N LYS A 109 3.87 -3.04 16.72
CA LYS A 109 4.48 -3.25 15.39
C LYS A 109 5.62 -4.28 15.52
N MET A 110 6.38 -4.26 16.61
CA MET A 110 7.46 -5.25 16.88
C MET A 110 6.85 -6.64 17.14
N LEU A 111 5.91 -6.73 18.08
CA LEU A 111 5.24 -7.99 18.53
C LEU A 111 4.73 -8.77 17.30
N ALA A 112 4.03 -8.04 16.43
CA ALA A 112 3.45 -8.55 15.16
C ALA A 112 4.48 -9.37 14.38
N VAL A 113 5.71 -8.88 14.20
CA VAL A 113 6.72 -9.53 13.32
C VAL A 113 7.36 -10.70 14.08
N ASP A 114 7.74 -10.49 15.34
CA ASP A 114 8.44 -11.50 16.19
C ASP A 114 7.93 -11.37 17.61
N PRO A 115 7.09 -12.31 18.09
CA PRO A 115 6.59 -12.22 19.45
C PRO A 115 7.71 -12.39 20.49
N GLU A 116 8.81 -13.05 20.11
CA GLU A 116 9.97 -13.32 21.01
C GLU A 116 10.95 -12.13 21.05
N ALA A 117 10.77 -11.10 20.22
CA ALA A 117 11.75 -9.99 20.06
C ALA A 117 11.75 -9.10 21.31
N PRO A 118 10.58 -8.63 21.80
CA PRO A 118 10.54 -7.81 23.01
C PRO A 118 11.14 -8.56 24.22
N THR A 119 11.74 -7.79 25.12
CA THR A 119 12.25 -8.26 26.43
C THR A 119 11.09 -8.48 27.39
N GLU A 120 11.33 -9.21 28.47
CA GLU A 120 10.35 -9.41 29.56
C GLU A 120 9.83 -8.03 30.00
N GLU A 121 10.71 -7.05 30.17
CA GLU A 121 10.34 -5.69 30.65
C GLU A 121 9.51 -4.97 29.59
N GLU A 122 9.90 -5.08 28.31
CA GLU A 122 9.13 -4.45 27.23
C GLU A 122 7.72 -5.03 27.19
N HIS A 123 7.60 -6.36 27.30
CA HIS A 123 6.29 -7.07 27.42
C HIS A 123 5.49 -6.47 28.59
N ALA A 124 6.12 -6.31 29.76
CA ALA A 124 5.47 -5.72 30.95
C ALA A 124 5.01 -4.28 30.66
N GLN A 125 5.84 -3.49 29.96
CA GLN A 125 5.55 -2.07 29.60
C GLN A 125 4.51 -2.01 28.47
N ARG A 126 4.40 -3.08 27.66
CA ARG A 126 3.75 -3.03 26.32
C ARG A 126 4.28 -1.79 25.57
N ALA A 127 5.59 -1.53 25.62
CA ALA A 127 6.18 -0.31 25.05
C ALA A 127 7.70 -0.47 24.91
N VAL A 128 8.26 0.14 23.87
CA VAL A 128 9.73 0.13 23.61
C VAL A 128 10.16 1.57 23.34
N THR A 129 11.44 1.86 23.42
CA THR A 129 11.98 3.18 23.03
C THR A 129 12.13 3.19 21.51
N LYS A 130 12.17 4.37 20.90
CA LYS A 130 12.29 4.52 19.43
C LYS A 130 13.62 3.92 18.96
N PRO A 131 14.78 4.31 19.54
CA PRO A 131 16.07 3.75 19.11
C PRO A 131 16.08 2.22 19.16
N ARG A 132 15.48 1.63 20.19
CA ARG A 132 15.40 0.17 20.32
C ARG A 132 14.59 -0.41 19.15
N TYR A 133 13.43 0.17 18.85
CA TYR A 133 12.54 -0.21 17.73
C TYR A 133 13.31 -0.07 16.41
N MET A 134 13.97 1.06 16.21
CA MET A 134 14.69 1.33 14.92
C MET A 134 15.87 0.37 14.77
N GLN A 135 16.62 0.07 15.84
CA GLN A 135 17.74 -0.93 15.80
C GLN A 135 17.17 -2.31 15.44
N TRP A 136 16.01 -2.67 15.99
CA TRP A 136 15.38 -3.98 15.68
C TRP A 136 15.00 -4.02 14.17
N ARG A 137 14.36 -2.97 13.68
CA ARG A 137 13.96 -2.80 12.25
C ARG A 137 15.19 -2.95 11.37
N GLU A 138 16.33 -2.37 11.79
CA GLU A 138 17.59 -2.43 11.00
C GLU A 138 18.06 -3.89 10.86
N GLY A 139 17.87 -4.71 11.91
CA GLY A 139 18.46 -6.07 11.96
C GLY A 139 17.62 -7.11 11.21
N ILE A 140 16.31 -6.94 11.14
CA ILE A 140 15.41 -7.93 10.47
C ILE A 140 15.29 -7.58 8.99
N SER A 141 15.63 -6.33 8.63
CA SER A 141 15.78 -5.90 7.22
C SER A 141 17.26 -5.99 6.82
N SER A 142 17.60 -5.46 5.64
CA SER A 142 18.97 -5.48 5.10
C SER A 142 19.78 -4.31 5.67
N SER A 143 19.16 -3.40 6.44
CA SER A 143 19.86 -2.16 6.88
C SER A 143 21.19 -2.51 7.56
N THR A 144 21.19 -3.37 8.59
CA THR A 144 22.39 -3.59 9.42
C THR A 144 23.51 -4.19 8.56
N THR A 145 23.20 -5.19 7.75
CA THR A 145 24.21 -6.00 7.00
C THR A 145 24.58 -5.34 5.66
N LEU A 146 23.64 -4.75 4.93
CA LEU A 146 23.90 -4.21 3.56
C LEU A 146 23.92 -2.67 3.54
N GLY A 147 23.40 -2.00 4.56
CA GLY A 147 23.47 -0.52 4.66
C GLY A 147 22.40 0.18 3.86
N PHE A 148 21.33 -0.51 3.49
CA PHE A 148 20.11 0.09 2.91
C PHE A 148 18.98 -0.92 3.09
N ARG A 149 17.77 -0.48 2.83
CA ARG A 149 16.62 -1.39 2.79
C ARG A 149 15.55 -0.83 1.88
N ILE A 150 14.84 -1.72 1.23
CA ILE A 150 13.65 -1.35 0.43
C ILE A 150 12.50 -1.00 1.39
N GLU A 151 11.88 0.16 1.20
CA GLU A 151 10.75 0.62 2.05
C GLU A 151 9.43 0.35 1.35
N GLY A 152 9.33 0.62 0.06
CA GLY A 152 8.04 0.47 -0.65
C GLY A 152 8.16 0.58 -2.14
N ILE A 153 7.17 0.05 -2.86
CA ILE A 153 7.01 0.20 -4.33
C ILE A 153 5.61 0.77 -4.62
N LYS A 154 5.44 1.63 -5.64
N LYS A 154 5.50 1.70 -5.57
CA LYS A 154 4.23 2.51 -5.76
CA LYS A 154 4.19 2.27 -6.02
C LYS A 154 3.81 2.79 -7.22
C LYS A 154 4.09 2.01 -7.54
N LYS A 155 3.25 1.85 -7.99
N LYS A 155 3.59 0.82 -7.91
CA LYS A 155 2.94 2.12 -9.43
CA LYS A 155 3.59 0.25 -9.28
C LYS A 155 1.79 3.12 -9.58
C LYS A 155 2.83 1.11 -10.30
N ALA A 156 1.60 3.61 -10.81
N ALA A 156 3.12 0.90 -11.60
CA ALA A 156 0.77 4.77 -11.21
CA ALA A 156 2.51 1.59 -12.76
C ALA A 156 -0.74 4.48 -11.16
C ALA A 156 0.98 1.36 -12.76
N ASP A 157 -1.16 3.23 -11.37
N ASP A 157 0.53 0.18 -12.30
CA ASP A 157 -2.60 2.84 -11.22
CA ASP A 157 -0.90 -0.22 -12.29
C ASP A 157 -2.99 3.17 -9.78
C ASP A 157 -1.66 0.42 -11.12
N GLY A 158 -2.14 2.72 -8.86
N GLY A 158 -1.01 1.27 -10.31
CA GLY A 158 -2.22 2.97 -7.40
CA GLY A 158 -1.66 1.99 -9.19
C GLY A 158 -1.80 1.73 -6.62
C GLY A 158 -1.54 1.23 -7.90
N SER A 159 -1.53 0.64 -7.34
N SER A 159 -1.18 -0.05 -7.97
CA SER A 159 -1.04 -0.66 -6.78
CA SER A 159 -1.00 -0.90 -6.76
C SER A 159 0.29 -0.41 -6.07
C SER A 159 0.29 -0.47 -6.07
N CYS A 160 0.34 -0.58 -4.75
CA CYS A 160 1.53 -0.27 -3.92
C CYS A 160 1.74 -1.35 -2.86
N SER A 161 2.96 -1.42 -2.36
CA SER A 161 3.32 -2.40 -1.30
C SER A 161 4.38 -1.80 -0.41
N THR A 162 4.21 -2.00 0.89
CA THR A 162 5.23 -1.70 1.91
C THR A 162 5.65 -2.97 2.63
N ASP A 163 5.37 -4.15 2.06
CA ASP A 163 5.57 -5.47 2.70
C ASP A 163 7.02 -5.95 2.54
N PHE A 164 8.01 -5.21 3.11
CA PHE A 164 9.45 -5.52 2.96
C PHE A 164 10.20 -5.51 4.29
N LYS A 165 9.50 -5.58 5.42
CA LYS A 165 10.17 -5.43 6.74
C LYS A 165 11.15 -6.58 6.98
N THR A 166 10.95 -7.77 6.38
CA THR A 166 11.87 -8.93 6.57
C THR A 166 12.63 -9.26 5.28
N THR A 167 12.71 -8.32 4.34
CA THR A 167 13.61 -8.42 3.16
C THR A 167 15.01 -8.08 3.66
N ARG A 168 15.89 -9.08 3.77
N ARG A 168 15.89 -9.09 3.79
CA ARG A 168 17.19 -8.93 4.49
CA ARG A 168 17.18 -8.96 4.52
C ARG A 168 18.36 -9.44 3.65
C ARG A 168 18.35 -9.44 3.65
N SER A 169 18.26 -10.61 3.04
CA SER A 169 19.40 -11.26 2.34
C SER A 169 19.65 -10.54 1.00
N ARG A 170 20.90 -10.57 0.55
CA ARG A 170 21.33 -10.06 -0.78
C ARG A 170 20.38 -10.57 -1.88
N GLU A 171 20.12 -11.88 -1.88
CA GLU A 171 19.27 -12.53 -2.90
C GLU A 171 17.80 -12.09 -2.75
N GLN A 172 17.30 -11.90 -1.52
CA GLN A 172 15.93 -11.36 -1.31
C GLN A 172 15.80 -9.97 -1.94
N VAL A 173 16.78 -9.10 -1.72
CA VAL A 173 16.79 -7.72 -2.26
C VAL A 173 16.83 -7.79 -3.78
N LEU A 174 17.76 -8.58 -4.32
CA LEU A 174 17.89 -8.76 -5.79
C LEU A 174 16.53 -9.15 -6.37
N ARG A 175 15.81 -10.09 -5.74
CA ARG A 175 14.50 -10.54 -6.28
C ARG A 175 13.48 -9.39 -6.25
N VAL A 176 13.53 -8.46 -5.30
CA VAL A 176 12.58 -7.32 -5.30
C VAL A 176 12.88 -6.39 -6.50
N PHE A 177 14.16 -6.09 -6.74
CA PHE A 177 14.56 -5.25 -7.91
C PHE A 177 14.26 -6.00 -9.22
N GLU A 178 14.50 -7.30 -9.25
CA GLU A 178 14.15 -8.16 -10.42
C GLU A 178 12.67 -7.96 -10.77
N GLU A 179 11.78 -8.10 -9.79
CA GLU A 179 10.32 -7.89 -10.00
C GLU A 179 10.04 -6.43 -10.40
N PHE A 180 10.71 -5.47 -9.79
CA PHE A 180 10.49 -4.03 -10.03
C PHE A 180 10.79 -3.67 -11.51
N VAL A 181 11.89 -4.15 -12.07
CA VAL A 181 12.34 -3.71 -13.43
C VAL A 181 11.66 -4.58 -14.51
N GLN A 182 11.07 -5.71 -14.13
CA GLN A 182 10.26 -6.57 -15.05
C GLN A 182 11.04 -6.84 -16.35
N GLY A 183 12.32 -7.17 -16.23
CA GLY A 183 13.19 -7.61 -17.34
C GLY A 183 13.50 -6.50 -18.35
N ASP A 184 13.35 -5.23 -17.96
CA ASP A 184 13.66 -4.09 -18.87
C ASP A 184 15.17 -3.79 -18.76
N GLU A 185 15.94 -4.27 -19.72
CA GLU A 185 17.43 -4.19 -19.70
C GLU A 185 17.85 -2.72 -19.75
N GLU A 186 17.07 -1.88 -20.43
CA GLU A 186 17.43 -0.45 -20.67
C GLU A 186 17.26 0.29 -19.34
N VAL A 187 16.17 0.02 -18.63
CA VAL A 187 15.90 0.67 -17.32
C VAL A 187 17.01 0.30 -16.35
N LEU A 188 17.37 -0.99 -16.26
CA LEU A 188 18.42 -1.45 -15.35
C LEU A 188 19.75 -0.80 -15.69
N ARG A 189 20.09 -0.75 -16.98
CA ARG A 189 21.38 -0.14 -17.42
C ARG A 189 21.37 1.33 -17.00
N ARG A 190 20.28 2.05 -17.25
CA ARG A 190 20.16 3.48 -16.89
C ARG A 190 20.23 3.64 -15.35
N TYR A 191 19.54 2.81 -14.58
CA TYR A 191 19.64 2.86 -13.10
C TYR A 191 21.12 2.74 -12.69
N LEU A 192 21.83 1.77 -13.25
CA LEU A 192 23.22 1.47 -12.84
C LEU A 192 24.13 2.65 -13.23
N ASN A 193 23.93 3.19 -14.43
CA ASN A 193 24.71 4.37 -14.87
C ASN A 193 24.45 5.53 -13.91
N ARG A 194 23.19 5.75 -13.53
CA ARG A 194 22.82 6.87 -12.62
C ARG A 194 23.46 6.63 -11.24
N LEU A 195 23.40 5.40 -10.69
CA LEU A 195 23.97 5.13 -9.34
C LEU A 195 25.48 5.32 -9.38
N GLN A 196 26.15 4.87 -10.46
CA GLN A 196 27.62 5.04 -10.61
C GLN A 196 27.94 6.53 -10.56
N GLN A 197 27.16 7.37 -11.27
CA GLN A 197 27.42 8.83 -11.32
C GLN A 197 27.08 9.47 -9.97
N ILE A 198 26.01 9.02 -9.28
CA ILE A 198 25.71 9.49 -7.90
C ILE A 198 26.87 9.15 -6.95
N ARG A 199 27.40 7.92 -6.96
CA ARG A 199 28.48 7.54 -6.04
C ARG A 199 29.67 8.48 -6.26
N ASP A 200 30.03 8.69 -7.52
CA ASP A 200 31.16 9.60 -7.90
C ASP A 200 30.91 11.01 -7.32
N THR A 201 29.70 11.53 -7.44
CA THR A 201 29.33 12.88 -6.94
C THR A 201 29.39 12.90 -5.43
N LEU A 202 28.87 11.87 -4.74
CA LEU A 202 28.90 11.83 -3.26
C LEU A 202 30.36 11.83 -2.80
N GLU A 203 31.24 11.12 -3.49
CA GLU A 203 32.64 10.98 -3.05
C GLU A 203 33.41 12.32 -3.20
N VAL A 204 32.90 13.29 -3.95
CA VAL A 204 33.61 14.61 -4.03
C VAL A 204 32.78 15.73 -3.41
N SER A 205 31.55 15.46 -2.98
CA SER A 205 30.60 16.50 -2.50
C SER A 205 31.11 17.13 -1.20
N GLU A 206 31.18 18.46 -1.15
CA GLU A 206 31.56 19.18 0.09
C GLU A 206 30.46 18.95 1.14
N PHE A 207 29.20 19.04 0.73
CA PHE A 207 28.04 18.78 1.61
C PHE A 207 28.20 17.38 2.23
N PHE A 208 28.40 16.35 1.43
CA PHE A 208 28.33 14.94 1.92
C PHE A 208 29.42 14.64 2.96
N ARG A 209 30.65 15.12 2.76
CA ARG A 209 31.76 14.78 3.69
C ARG A 209 31.51 15.48 5.04
N ARG A 210 30.73 16.56 5.07
CA ARG A 210 30.53 17.45 6.25
C ARG A 210 29.22 17.14 6.98
N HIS A 211 28.42 16.19 6.49
CA HIS A 211 27.06 15.96 7.03
C HIS A 211 26.86 14.47 7.32
N GLU A 212 26.16 14.20 8.41
CA GLU A 212 25.64 12.89 8.82
C GLU A 212 24.30 12.73 8.14
N VAL A 213 24.18 11.74 7.26
CA VAL A 213 22.98 11.57 6.40
C VAL A 213 22.16 10.37 6.90
N ILE A 214 21.17 10.65 7.73
CA ILE A 214 20.31 9.64 8.41
C ILE A 214 18.88 9.77 7.88
N GLY A 215 18.25 8.63 7.58
CA GLY A 215 16.82 8.56 7.25
C GLY A 215 16.50 9.07 5.86
N SER A 216 17.52 9.29 5.00
CA SER A 216 17.31 9.71 3.59
C SER A 216 17.05 8.46 2.74
N SER A 217 16.45 8.66 1.58
CA SER A 217 16.19 7.57 0.61
C SER A 217 16.82 7.88 -0.74
N LEU A 218 17.02 6.81 -1.51
CA LEU A 218 17.16 6.91 -2.97
C LEU A 218 15.81 6.53 -3.56
N LEU A 219 15.26 7.41 -4.38
CA LEU A 219 14.00 7.20 -5.11
C LEU A 219 14.32 6.76 -6.55
N PHE A 220 13.93 5.54 -6.88
CA PHE A 220 14.06 4.95 -8.23
C PHE A 220 12.73 5.14 -8.95
N VAL A 221 12.77 5.73 -10.13
CA VAL A 221 11.55 6.00 -10.93
C VAL A 221 11.80 5.50 -12.33
N HIS A 222 10.90 4.69 -12.89
CA HIS A 222 11.01 4.35 -14.34
C HIS A 222 9.63 4.23 -14.95
N ASP A 223 9.58 4.17 -16.27
CA ASP A 223 8.28 4.02 -16.98
C ASP A 223 8.46 3.04 -18.14
N HIS A 224 7.35 2.76 -18.83
CA HIS A 224 7.29 1.70 -19.87
C HIS A 224 8.01 2.20 -21.14
N CYS A 225 8.28 3.51 -21.23
CA CYS A 225 9.09 4.13 -22.32
C CYS A 225 10.58 4.03 -22.03
N HIS A 226 10.94 3.36 -20.93
CA HIS A 226 12.33 3.00 -20.53
C HIS A 226 13.04 4.21 -19.92
N ARG A 227 12.33 5.30 -19.63
N ARG A 227 12.33 5.30 -19.64
CA ARG A 227 12.90 6.44 -18.87
CA ARG A 227 12.88 6.44 -18.85
C ARG A 227 13.18 5.95 -17.45
C ARG A 227 13.21 5.90 -17.46
N ALA A 228 14.31 6.35 -16.87
CA ALA A 228 14.76 5.87 -15.55
C ALA A 228 15.50 7.00 -14.88
N GLY A 229 15.18 7.28 -13.62
CA GLY A 229 15.91 8.29 -12.84
C GLY A 229 16.11 7.80 -11.42
N VAL A 230 17.09 8.35 -10.74
CA VAL A 230 17.27 8.08 -9.30
C VAL A 230 17.66 9.41 -8.66
N TRP A 231 17.08 9.71 -7.51
CA TRP A 231 17.43 10.94 -6.77
C TRP A 231 17.55 10.61 -5.30
N LEU A 232 18.36 11.39 -4.56
CA LEU A 232 18.37 11.38 -3.08
C LEU A 232 17.21 12.26 -2.61
N ILE A 233 16.44 11.78 -1.65
CA ILE A 233 15.34 12.59 -1.05
C ILE A 233 15.38 12.43 0.48
N ASP A 234 14.72 13.36 1.14
CA ASP A 234 14.36 13.37 2.59
C ASP A 234 15.60 13.69 3.44
N PHE A 235 15.83 14.97 3.68
CA PHE A 235 17.01 15.48 4.42
C PHE A 235 16.58 15.98 5.80
N GLY A 236 15.47 15.46 6.30
CA GLY A 236 14.88 15.89 7.60
C GLY A 236 15.73 15.47 8.78
N LYS A 237 16.64 14.51 8.62
CA LYS A 237 17.53 14.02 9.70
C LYS A 237 18.99 14.07 9.29
N THR A 238 19.32 14.97 8.37
CA THR A 238 20.69 15.19 7.87
C THR A 238 21.26 16.42 8.60
N THR A 239 22.35 16.24 9.34
CA THR A 239 22.91 17.29 10.23
C THR A 239 24.39 17.50 9.99
N PRO A 240 24.89 18.76 10.10
CA PRO A 240 26.31 19.05 9.94
C PRO A 240 27.17 18.55 11.11
N LEU A 241 28.36 18.02 10.80
CA LEU A 241 29.33 17.64 11.85
C LEU A 241 29.88 18.93 12.43
N PRO A 242 30.24 18.93 13.74
CA PRO A 242 30.81 20.11 14.39
C PRO A 242 32.26 20.35 13.96
N ASP A 243 32.72 21.60 14.10
CA ASP A 243 34.14 22.03 14.05
C ASP A 243 34.87 21.35 12.88
N GLY A 244 34.27 21.38 11.68
CA GLY A 244 34.93 20.92 10.45
C GLY A 244 35.38 19.47 10.49
N GLN A 245 34.70 18.60 11.26
CA GLN A 245 35.03 17.14 11.31
C GLN A 245 34.38 16.51 10.07
N ILE A 246 34.89 15.38 9.57
CA ILE A 246 34.32 14.73 8.33
C ILE A 246 34.02 13.26 8.62
N LEU A 247 33.12 12.66 7.81
CA LEU A 247 32.78 11.22 7.83
C LEU A 247 33.33 10.58 6.55
N ASP A 248 33.63 9.28 6.59
CA ASP A 248 34.00 8.53 5.36
C ASP A 248 32.76 7.81 4.81
N HIS A 249 31.71 7.63 5.62
CA HIS A 249 30.41 7.07 5.19
C HIS A 249 30.53 5.60 4.79
N ARG A 250 31.61 4.92 5.19
CA ARG A 250 31.79 3.47 4.95
C ARG A 250 32.09 2.74 6.27
N ARG A 251 32.86 3.34 7.18
CA ARG A 251 33.37 2.62 8.37
C ARG A 251 32.19 2.36 9.30
N PRO A 252 32.28 1.31 10.15
CA PRO A 252 31.19 0.95 11.04
C PRO A 252 30.80 2.08 12.00
N TRP A 253 29.51 2.14 12.35
CA TRP A 253 29.01 3.12 13.34
C TRP A 253 29.33 2.63 14.76
N GLU A 254 29.92 3.51 15.55
N GLU A 254 29.95 3.51 15.54
CA GLU A 254 30.14 3.33 17.01
CA GLU A 254 30.22 3.38 17.00
C GLU A 254 29.71 4.64 17.68
C GLU A 254 29.69 4.66 17.67
N GLU A 255 28.80 4.54 18.65
CA GLU A 255 28.16 5.72 19.29
C GLU A 255 29.25 6.76 19.60
N GLY A 256 29.12 7.96 19.03
CA GLY A 256 30.11 9.05 19.14
C GLY A 256 30.75 9.41 17.81
N ASN A 257 30.88 8.47 16.87
CA ASN A 257 31.60 8.72 15.58
C ASN A 257 30.64 9.23 14.48
N ARG A 258 29.32 9.11 14.69
CA ARG A 258 28.26 9.72 13.85
C ARG A 258 28.28 9.14 12.43
N GLU A 259 28.93 7.99 12.24
CA GLU A 259 29.04 7.30 10.92
C GLU A 259 27.66 6.71 10.57
N ASP A 260 27.28 6.80 9.29
CA ASP A 260 25.92 6.43 8.81
C ASP A 260 25.98 5.22 7.86
N GLY A 261 27.16 4.80 7.41
CA GLY A 261 27.33 3.69 6.44
C GLY A 261 26.63 3.94 5.11
N TYR A 262 26.36 5.20 4.76
CA TYR A 262 25.63 5.56 3.52
C TYR A 262 26.31 4.91 2.30
N LEU A 263 27.63 5.06 2.15
CA LEU A 263 28.34 4.56 0.94
C LEU A 263 28.53 3.04 0.99
N LEU A 264 28.58 2.44 2.18
CA LEU A 264 28.53 0.97 2.30
C LEU A 264 27.22 0.49 1.67
N GLY A 265 26.11 1.16 1.96
CA GLY A 265 24.80 0.87 1.34
C GLY A 265 24.85 1.02 -0.16
N LEU A 266 25.34 2.17 -0.61
CA LEU A 266 25.35 2.48 -2.06
C LEU A 266 26.24 1.48 -2.81
N ASP A 267 27.39 1.13 -2.25
CA ASP A 267 28.31 0.12 -2.83
C ASP A 267 27.57 -1.22 -2.98
N ASN A 268 26.89 -1.67 -1.94
CA ASN A 268 26.17 -2.97 -1.96
C ASN A 268 25.01 -2.90 -2.97
N LEU A 269 24.27 -1.80 -3.00
CA LEU A 269 23.13 -1.57 -3.91
C LEU A 269 23.61 -1.68 -5.36
N ILE A 270 24.69 -0.95 -5.67
CA ILE A 270 25.30 -1.02 -7.03
C ILE A 270 25.68 -2.49 -7.30
N GLY A 271 26.29 -3.20 -6.34
CA GLY A 271 26.74 -4.59 -6.55
C GLY A 271 25.59 -5.52 -6.89
N ILE A 272 24.44 -5.29 -6.26
CA ILE A 272 23.23 -6.14 -6.44
C ILE A 272 22.65 -5.87 -7.82
N LEU A 273 22.54 -4.60 -8.22
CA LEU A 273 21.97 -4.25 -9.54
C LEU A 273 22.93 -4.75 -10.62
N ALA A 274 24.24 -4.64 -10.41
CA ALA A 274 25.24 -5.14 -11.38
C ALA A 274 25.10 -6.66 -11.50
N SER A 275 24.82 -7.36 -10.38
CA SER A 275 24.63 -8.83 -10.34
C SER A 275 23.38 -9.19 -11.14
N LEU A 276 22.27 -8.48 -10.86
CA LEU A 276 20.99 -8.67 -11.57
C LEU A 276 21.21 -8.50 -13.08
N ALA A 277 21.99 -7.49 -13.50
CA ALA A 277 22.22 -7.17 -14.92
C ALA A 277 22.82 -8.39 -15.63
N GLU A 278 23.60 -9.20 -14.93
CA GLU A 278 24.37 -10.32 -15.55
C GLU A 278 23.57 -11.63 -15.48
N ARG A 279 22.38 -11.65 -14.85
CA ARG A 279 21.53 -12.86 -14.73
C ARG A 279 20.83 -13.11 -16.07
N GLY B 1 -8.16 -3.30 18.31
CA GLY B 1 -7.85 -2.78 16.94
C GLY B 1 -8.75 -1.62 16.56
N SER B 2 -8.33 -0.85 15.57
CA SER B 2 -8.99 0.39 15.08
C SER B 2 -8.62 0.60 13.61
N HIS B 3 -9.60 0.80 12.72
CA HIS B 3 -9.32 1.03 11.27
C HIS B 3 -8.64 2.40 11.08
N MET B 4 -9.14 3.45 11.75
CA MET B 4 -8.60 4.84 11.67
C MET B 4 -7.16 4.88 12.22
N SER B 5 -6.81 3.99 13.15
CA SER B 5 -5.42 3.79 13.65
C SER B 5 -4.50 3.43 12.47
N TRP B 6 -4.88 2.45 11.64
CA TRP B 6 -4.15 2.09 10.40
C TRP B 6 -4.15 3.29 9.44
N VAL B 7 -5.33 3.88 9.17
CA VAL B 7 -5.56 4.93 8.13
C VAL B 7 -4.63 6.14 8.39
N SER B 15 -13.31 8.95 2.90
CA SER B 15 -14.52 8.09 2.93
C SER B 15 -14.89 7.75 4.39
N PHE B 16 -13.91 7.40 5.23
CA PHE B 16 -14.10 7.04 6.66
C PHE B 16 -13.56 8.15 7.57
N LYS B 17 -14.33 8.48 8.61
CA LYS B 17 -13.92 9.39 9.72
C LYS B 17 -13.96 8.62 11.04
N ALA B 18 -13.13 9.04 12.00
CA ALA B 18 -13.15 8.51 13.38
C ALA B 18 -14.48 8.90 14.03
N ALA B 19 -15.08 7.99 14.80
CA ALA B 19 -16.26 8.25 15.64
C ALA B 19 -15.77 8.61 17.05
N GLY B 20 -16.54 9.38 17.81
CA GLY B 20 -16.24 9.69 19.22
C GLY B 20 -16.38 8.45 20.08
N THR B 21 -17.47 7.70 19.85
CA THR B 21 -17.88 6.47 20.59
C THR B 21 -16.90 5.34 20.34
N SER B 22 -16.42 4.70 21.40
CA SER B 22 -15.53 3.51 21.33
C SER B 22 -16.22 2.43 20.51
N GLY B 23 -15.48 1.79 19.59
CA GLY B 23 -15.93 0.59 18.86
C GLY B 23 -16.73 0.91 17.61
N LEU B 24 -16.90 2.19 17.26
CA LEU B 24 -17.63 2.64 16.05
C LEU B 24 -16.68 3.32 15.05
N ILE B 25 -17.17 3.56 13.84
CA ILE B 25 -16.44 4.23 12.73
C ILE B 25 -17.50 4.89 11.84
N LEU B 26 -17.13 5.98 11.18
CA LEU B 26 -18.05 6.74 10.32
C LEU B 26 -17.67 6.48 8.87
N LYS B 27 -18.67 6.21 8.03
CA LYS B 27 -18.50 6.10 6.56
C LYS B 27 -19.42 7.12 5.92
N ARG B 28 -18.87 7.93 5.01
CA ARG B 28 -19.66 8.89 4.21
C ARG B 28 -20.94 8.18 3.74
N CYS B 29 -22.10 8.73 4.08
CA CYS B 29 -23.42 8.15 3.75
C CYS B 29 -23.65 8.26 2.24
N SER B 30 -24.09 7.16 1.62
CA SER B 30 -24.66 7.08 0.25
C SER B 30 -26.03 6.38 0.37
N GLU B 31 -26.99 6.79 -0.44
CA GLU B 31 -28.41 6.39 -0.24
C GLU B 31 -28.58 4.89 -0.51
N PRO B 32 -27.93 4.30 -1.55
CA PRO B 32 -28.03 2.85 -1.75
C PRO B 32 -27.50 2.09 -0.52
N GLU B 33 -26.35 2.52 0.02
CA GLU B 33 -25.68 1.81 1.13
C GLU B 33 -26.53 1.94 2.40
N ARG B 34 -27.05 3.14 2.70
CA ARG B 34 -27.96 3.35 3.86
C ARG B 34 -29.20 2.45 3.71
N TYR B 35 -29.81 2.44 2.54
CA TYR B 35 -31.02 1.62 2.25
C TYR B 35 -30.68 0.16 2.61
N CYS B 36 -29.55 -0.32 2.12
CA CYS B 36 -29.14 -1.75 2.28
C CYS B 36 -28.93 -2.06 3.76
N LEU B 37 -28.15 -1.24 4.45
CA LEU B 37 -27.72 -1.54 5.84
C LEU B 37 -28.95 -1.52 6.76
N ALA B 38 -29.91 -0.62 6.53
CA ALA B 38 -31.18 -0.58 7.28
C ALA B 38 -31.91 -1.92 7.08
N ARG B 39 -32.01 -2.41 5.84
CA ARG B 39 -32.66 -3.71 5.52
C ARG B 39 -31.90 -4.86 6.18
N LEU B 40 -30.56 -4.82 6.12
CA LEU B 40 -29.72 -5.96 6.61
C LEU B 40 -29.85 -6.11 8.12
N MET B 41 -30.17 -5.03 8.86
CA MET B 41 -30.27 -5.16 10.34
C MET B 41 -31.50 -6.02 10.70
N ALA B 42 -32.46 -6.15 9.79
CA ALA B 42 -33.73 -6.89 10.00
C ALA B 42 -33.71 -8.18 9.17
N ASP B 43 -32.55 -8.59 8.65
CA ASP B 43 -32.43 -9.73 7.71
C ASP B 43 -31.70 -10.87 8.40
N ALA B 44 -31.77 -12.08 7.84
CA ALA B 44 -30.91 -13.23 8.20
C ALA B 44 -29.43 -12.81 8.29
N LEU B 45 -28.96 -11.93 7.40
CA LEU B 45 -27.56 -11.50 7.29
C LEU B 45 -27.15 -10.49 8.37
N ARG B 46 -28.02 -10.15 9.33
CA ARG B 46 -27.71 -9.16 10.39
C ARG B 46 -26.32 -9.40 10.98
N GLY B 47 -26.00 -10.63 11.33
CA GLY B 47 -24.76 -11.03 12.02
C GLY B 47 -23.55 -11.05 11.10
N CYS B 48 -23.76 -11.00 9.79
CA CYS B 48 -22.71 -11.20 8.76
C CYS B 48 -22.21 -9.86 8.23
N VAL B 49 -22.77 -8.74 8.72
CA VAL B 49 -22.45 -7.37 8.23
C VAL B 49 -22.15 -6.53 9.46
N PRO B 50 -21.44 -5.38 9.31
CA PRO B 50 -21.20 -4.51 10.45
C PRO B 50 -22.53 -3.96 10.98
N ALA B 51 -22.67 -3.84 12.29
CA ALA B 51 -23.82 -3.17 12.92
C ALA B 51 -23.93 -1.76 12.36
N PHE B 52 -25.14 -1.35 12.00
CA PHE B 52 -25.51 -0.02 11.47
C PHE B 52 -26.43 0.64 12.48
N HIS B 53 -26.00 1.77 13.04
CA HIS B 53 -26.66 2.44 14.20
C HIS B 53 -27.48 3.65 13.75
N GLY B 54 -27.41 4.00 12.46
CA GLY B 54 -28.12 5.15 11.88
C GLY B 54 -27.17 6.18 11.32
N VAL B 55 -27.72 7.32 10.89
CA VAL B 55 -27.00 8.40 10.16
C VAL B 55 -26.82 9.58 11.12
N VAL B 56 -25.62 10.13 11.19
CA VAL B 56 -25.30 11.31 12.04
C VAL B 56 -24.72 12.38 11.12
N GLU B 57 -24.91 13.66 11.43
CA GLU B 57 -24.27 14.78 10.69
C GLU B 57 -22.97 15.12 11.40
N ARG B 58 -21.88 15.31 10.65
CA ARG B 58 -20.55 15.72 11.17
C ARG B 58 -19.92 16.70 10.16
N ASP B 59 -19.71 17.95 10.58
CA ASP B 59 -19.20 19.06 9.71
C ASP B 59 -20.15 19.24 8.52
N GLY B 60 -21.44 19.42 8.81
CA GLY B 60 -22.53 19.62 7.82
C GLY B 60 -22.57 18.54 6.75
N GLU B 61 -22.22 17.30 7.08
CA GLU B 61 -22.16 16.14 6.14
C GLU B 61 -22.70 14.88 6.84
N SER B 62 -23.37 14.00 6.07
CA SER B 62 -23.98 12.74 6.57
C SER B 62 -22.94 11.61 6.63
N TYR B 63 -22.93 10.85 7.72
CA TYR B 63 -22.07 9.66 7.93
C TYR B 63 -22.94 8.49 8.42
N LEU B 64 -22.66 7.29 7.91
CA LEU B 64 -23.18 6.02 8.47
C LEU B 64 -22.39 5.72 9.74
N GLN B 65 -23.09 5.44 10.84
CA GLN B 65 -22.46 5.06 12.13
C GLN B 65 -22.38 3.53 12.18
N LEU B 66 -21.18 3.00 11.98
CA LEU B 66 -20.95 1.54 11.79
C LEU B 66 -20.15 1.00 12.96
N GLN B 67 -20.36 -0.27 13.26
CA GLN B 67 -19.41 -1.10 14.01
C GLN B 67 -18.03 -0.99 13.34
N ASP B 68 -16.99 -0.74 14.12
CA ASP B 68 -15.58 -0.91 13.71
C ASP B 68 -15.22 -2.39 13.86
N LEU B 69 -15.13 -3.11 12.74
CA LEU B 69 -14.90 -4.57 12.73
C LEU B 69 -13.55 -4.94 13.34
N LEU B 70 -12.60 -3.99 13.44
CA LEU B 70 -11.26 -4.28 14.02
C LEU B 70 -11.30 -4.17 15.55
N ASP B 71 -12.36 -3.63 16.14
CA ASP B 71 -12.41 -3.31 17.59
C ASP B 71 -11.99 -4.51 18.43
N GLY B 72 -12.57 -5.68 18.18
CA GLY B 72 -12.33 -6.88 18.99
C GLY B 72 -10.94 -7.48 18.84
N PHE B 73 -10.07 -6.96 17.97
CA PHE B 73 -8.81 -7.65 17.60
C PHE B 73 -7.59 -6.95 18.20
N ASP B 74 -6.53 -7.71 18.49
CA ASP B 74 -5.27 -7.16 19.03
C ASP B 74 -4.20 -7.27 17.93
N GLY B 75 -3.97 -6.18 17.20
CA GLY B 75 -3.04 -6.14 16.05
C GLY B 75 -3.59 -6.94 14.87
N PRO B 76 -4.74 -6.50 14.31
CA PRO B 76 -5.41 -7.25 13.24
C PRO B 76 -4.67 -7.25 11.89
N CYS B 77 -4.63 -8.40 11.22
CA CYS B 77 -4.30 -8.57 9.78
C CYS B 77 -5.62 -8.53 9.03
N VAL B 78 -5.67 -7.86 7.88
CA VAL B 78 -6.97 -7.62 7.19
C VAL B 78 -6.79 -7.95 5.73
N LEU B 79 -7.65 -8.77 5.17
CA LEU B 79 -7.63 -9.06 3.73
C LEU B 79 -9.00 -8.69 3.16
N ASP B 80 -9.01 -7.91 2.08
CA ASP B 80 -10.26 -7.43 1.44
C ASP B 80 -10.43 -8.21 0.15
N CYS B 81 -11.56 -8.90 0.04
CA CYS B 81 -11.89 -9.76 -1.11
C CYS B 81 -13.12 -9.20 -1.85
N LYS B 82 -12.98 -8.70 -3.09
CA LYS B 82 -14.14 -8.14 -3.84
C LYS B 82 -14.91 -9.29 -4.48
N MET B 83 -16.22 -9.36 -4.22
CA MET B 83 -17.07 -10.53 -4.57
C MET B 83 -17.86 -10.25 -5.85
N GLY B 84 -17.93 -11.27 -6.71
CA GLY B 84 -18.78 -11.24 -7.90
C GLY B 84 -17.99 -11.47 -9.18
N VAL B 85 -18.64 -12.06 -10.19
CA VAL B 85 -18.04 -12.16 -11.54
C VAL B 85 -18.11 -10.80 -12.24
N ARG B 86 -19.07 -9.96 -11.88
CA ARG B 86 -19.28 -8.62 -12.47
C ARG B 86 -19.09 -7.58 -11.36
N THR B 87 -18.39 -6.49 -11.66
CA THR B 87 -17.98 -5.47 -10.66
C THR B 87 -18.52 -4.08 -11.03
N TYR B 88 -19.43 -3.99 -12.00
CA TYR B 88 -20.05 -2.71 -12.43
C TYR B 88 -21.54 -2.95 -12.66
N LEU B 89 -22.35 -1.91 -12.58
CA LEU B 89 -23.80 -2.01 -12.83
C LEU B 89 -24.04 -2.08 -14.34
N GLU B 90 -25.15 -2.71 -14.76
CA GLU B 90 -25.54 -2.90 -16.18
C GLU B 90 -25.83 -1.54 -16.83
N GLU B 91 -26.28 -0.56 -16.04
CA GLU B 91 -26.60 0.82 -16.50
C GLU B 91 -25.33 1.51 -17.04
N GLU B 92 -24.15 1.12 -16.58
CA GLU B 92 -22.84 1.63 -17.08
C GLU B 92 -22.62 1.25 -18.55
N LEU B 93 -23.23 0.15 -19.01
CA LEU B 93 -23.11 -0.35 -20.40
C LEU B 93 -23.97 0.50 -21.34
N THR B 94 -25.25 0.65 -20.98
CA THR B 94 -26.27 1.40 -21.75
C THR B 94 -25.74 2.80 -22.02
N LYS B 95 -25.13 3.42 -20.99
CA LYS B 95 -24.35 4.68 -21.09
C LYS B 95 -23.33 4.56 -22.22
N ALA B 96 -22.41 3.59 -22.13
CA ALA B 96 -21.27 3.39 -23.06
C ALA B 96 -21.74 3.27 -24.51
N ARG B 97 -22.91 2.68 -24.76
CA ARG B 97 -23.43 2.47 -26.15
C ARG B 97 -23.92 3.79 -26.75
N GLU B 98 -24.74 4.57 -26.03
CA GLU B 98 -25.44 5.76 -26.59
C GLU B 98 -24.43 6.89 -26.83
N ARG B 99 -23.71 7.30 -25.78
CA ARG B 99 -22.76 8.43 -25.78
C ARG B 99 -21.70 8.16 -24.70
N PRO B 100 -20.65 7.38 -25.02
CA PRO B 100 -19.73 6.88 -23.99
C PRO B 100 -18.87 7.94 -23.30
N LYS B 101 -18.99 8.09 -21.99
CA LYS B 101 -18.09 8.94 -21.17
C LYS B 101 -16.72 8.25 -21.12
N LEU B 102 -15.70 8.85 -21.73
CA LEU B 102 -14.33 8.28 -21.78
C LEU B 102 -13.56 8.70 -20.51
N ARG B 103 -12.76 7.78 -19.96
CA ARG B 103 -11.99 7.97 -18.70
C ARG B 103 -10.50 7.99 -19.06
N LYS B 104 -9.79 9.04 -18.62
CA LYS B 104 -8.36 9.31 -18.96
C LYS B 104 -7.50 8.25 -18.25
N ASP B 105 -7.56 8.25 -16.92
CA ASP B 105 -6.78 7.40 -15.98
C ASP B 105 -6.78 5.95 -16.47
N MET B 106 -7.95 5.39 -16.77
CA MET B 106 -8.16 3.93 -16.94
C MET B 106 -7.32 3.42 -18.12
N TYR B 107 -7.14 4.20 -19.20
CA TYR B 107 -6.28 3.79 -20.34
C TYR B 107 -4.85 3.54 -19.85
N LYS B 108 -4.33 4.44 -18.99
CA LYS B 108 -2.92 4.39 -18.52
C LYS B 108 -2.69 3.08 -17.77
N LYS B 109 -3.53 2.83 -16.77
CA LYS B 109 -3.45 1.63 -15.89
C LYS B 109 -3.39 0.38 -16.77
N MET B 110 -4.13 0.38 -17.88
CA MET B 110 -4.21 -0.75 -18.85
C MET B 110 -2.85 -0.97 -19.54
N LEU B 111 -2.28 0.10 -20.11
CA LEU B 111 -0.94 0.10 -20.74
C LEU B 111 0.08 -0.53 -19.78
N ALA B 112 0.09 -0.02 -18.54
CA ALA B 112 1.00 -0.37 -17.43
C ALA B 112 1.01 -1.88 -17.18
N VAL B 113 -0.16 -2.54 -17.28
CA VAL B 113 -0.31 -4.00 -16.96
C VAL B 113 -0.11 -4.83 -18.23
N ASP B 114 -0.77 -4.46 -19.33
CA ASP B 114 -0.65 -5.14 -20.66
C ASP B 114 -0.70 -4.09 -21.78
N PRO B 115 0.44 -3.79 -22.44
CA PRO B 115 0.46 -2.86 -23.56
C PRO B 115 -0.44 -3.31 -24.73
N GLU B 116 -0.47 -4.63 -24.99
CA GLU B 116 -1.22 -5.26 -26.12
C GLU B 116 -2.71 -5.44 -25.77
N ALA B 117 -3.13 -5.00 -24.58
CA ALA B 117 -4.55 -5.10 -24.13
C ALA B 117 -5.42 -4.14 -24.94
N PRO B 118 -5.22 -2.80 -24.84
CA PRO B 118 -6.05 -1.82 -25.54
C PRO B 118 -6.18 -2.02 -27.07
N THR B 119 -7.33 -1.63 -27.63
CA THR B 119 -7.64 -1.56 -29.10
C THR B 119 -7.02 -0.28 -29.66
N GLU B 120 -6.87 -0.16 -30.98
CA GLU B 120 -6.29 1.08 -31.59
C GLU B 120 -7.23 2.27 -31.38
N GLU B 121 -8.56 2.05 -31.43
CA GLU B 121 -9.58 3.11 -31.17
C GLU B 121 -9.33 3.71 -29.79
N GLU B 122 -9.25 2.84 -28.78
CA GLU B 122 -8.86 3.19 -27.38
C GLU B 122 -7.43 3.73 -27.37
N HIS B 123 -6.52 2.99 -28.03
CA HIS B 123 -5.05 3.27 -28.08
C HIS B 123 -4.84 4.77 -28.34
N ALA B 124 -5.25 5.25 -29.53
CA ALA B 124 -5.07 6.64 -29.97
C ALA B 124 -5.82 7.58 -29.01
N GLN B 125 -7.02 7.19 -28.58
CA GLN B 125 -7.92 8.01 -27.72
C GLN B 125 -7.23 8.37 -26.39
N ARG B 126 -6.50 7.41 -25.79
CA ARG B 126 -5.86 7.52 -24.45
C ARG B 126 -6.94 7.72 -23.37
N ALA B 127 -8.10 7.11 -23.59
CA ALA B 127 -9.24 7.04 -22.64
C ALA B 127 -10.06 5.80 -23.00
N VAL B 128 -10.74 5.20 -22.02
CA VAL B 128 -11.55 3.96 -22.19
C VAL B 128 -12.86 4.12 -21.44
N THR B 129 -13.89 3.36 -21.82
CA THR B 129 -15.17 3.29 -21.06
C THR B 129 -14.86 2.61 -19.71
N LYS B 130 -15.58 2.98 -18.64
CA LYS B 130 -15.46 2.36 -17.29
C LYS B 130 -15.78 0.87 -17.42
N PRO B 131 -16.91 0.48 -18.04
CA PRO B 131 -17.22 -0.94 -18.28
C PRO B 131 -16.07 -1.73 -18.92
N ARG B 132 -15.42 -1.15 -19.93
CA ARG B 132 -14.29 -1.81 -20.62
C ARG B 132 -13.12 -1.99 -19.63
N TYR B 133 -12.79 -0.94 -18.87
CA TYR B 133 -11.71 -1.01 -17.85
C TYR B 133 -12.06 -2.10 -16.83
N MET B 134 -13.28 -2.11 -16.32
CA MET B 134 -13.71 -3.02 -15.21
C MET B 134 -13.77 -4.45 -15.74
N GLN B 135 -14.23 -4.66 -16.97
CA GLN B 135 -14.21 -5.99 -17.63
C GLN B 135 -12.76 -6.47 -17.80
N TRP B 136 -11.86 -5.58 -18.20
CA TRP B 136 -10.44 -5.97 -18.33
C TRP B 136 -9.86 -6.33 -16.94
N ARG B 137 -10.19 -5.57 -15.89
CA ARG B 137 -9.71 -5.86 -14.50
C ARG B 137 -10.24 -7.23 -14.07
N GLU B 138 -11.48 -7.55 -14.43
CA GLU B 138 -12.14 -8.83 -14.07
C GLU B 138 -11.37 -9.99 -14.70
N GLY B 139 -10.91 -9.81 -15.95
CA GLY B 139 -10.29 -10.88 -16.76
C GLY B 139 -8.84 -11.15 -16.41
N ILE B 140 -8.06 -10.15 -15.96
CA ILE B 140 -6.61 -10.32 -15.60
C ILE B 140 -6.48 -10.77 -14.14
N SER B 141 -7.53 -10.57 -13.34
CA SER B 141 -7.63 -11.08 -11.94
C SER B 141 -8.47 -12.36 -11.98
N SER B 142 -8.84 -12.87 -10.81
CA SER B 142 -9.67 -14.10 -10.67
C SER B 142 -11.17 -13.79 -10.78
N SER B 143 -11.59 -12.53 -10.95
CA SER B 143 -13.02 -12.13 -10.91
C SER B 143 -13.79 -12.99 -11.94
N THR B 144 -13.36 -13.00 -13.20
CA THR B 144 -14.14 -13.59 -14.31
C THR B 144 -14.33 -15.10 -14.10
N THR B 145 -13.27 -15.81 -13.74
CA THR B 145 -13.21 -17.29 -13.69
C THR B 145 -13.64 -17.82 -12.32
N LEU B 146 -13.32 -17.13 -11.23
CA LEU B 146 -13.58 -17.66 -9.87
C LEU B 146 -14.70 -16.90 -9.16
N GLY B 147 -15.04 -15.69 -9.59
CA GLY B 147 -16.17 -14.93 -9.02
C GLY B 147 -15.75 -14.18 -7.77
N PHE B 148 -14.47 -13.92 -7.59
CA PHE B 148 -13.96 -13.03 -6.52
C PHE B 148 -12.55 -12.60 -6.89
N ARG B 149 -12.05 -11.57 -6.23
CA ARG B 149 -10.59 -11.29 -6.32
C ARG B 149 -10.11 -10.64 -5.02
N ILE B 150 -8.85 -10.90 -4.71
CA ILE B 150 -8.13 -10.27 -3.56
C ILE B 150 -7.78 -8.84 -3.98
N GLU B 151 -8.20 -7.84 -3.20
CA GLU B 151 -7.95 -6.40 -3.48
C GLU B 151 -6.71 -5.95 -2.71
N GLY B 152 -6.56 -6.40 -1.48
CA GLY B 152 -5.50 -5.84 -0.62
C GLY B 152 -5.34 -6.59 0.67
N ILE B 153 -4.18 -6.42 1.29
CA ILE B 153 -3.83 -6.97 2.62
C ILE B 153 -3.23 -5.84 3.45
N LYS B 154 -3.65 -5.73 4.70
CA LYS B 154 -3.04 -4.84 5.71
C LYS B 154 -2.57 -5.73 6.86
N LYS B 155 -1.26 -5.83 7.11
CA LYS B 155 -0.66 -6.80 8.06
C LYS B 155 -0.60 -6.15 9.45
N ALA B 156 -0.54 -6.98 10.50
CA ALA B 156 -0.45 -6.54 11.91
C ALA B 156 0.73 -5.57 12.09
N ASP B 157 1.84 -5.82 11.37
CA ASP B 157 3.11 -5.04 11.46
C ASP B 157 2.92 -3.62 10.86
N GLY B 158 1.85 -3.39 10.10
CA GLY B 158 1.50 -2.07 9.52
C GLY B 158 1.81 -2.02 8.03
N SER B 159 2.52 -3.03 7.53
CA SER B 159 2.75 -3.29 6.09
C SER B 159 1.40 -3.38 5.36
N CYS B 160 1.35 -2.86 4.14
CA CYS B 160 0.14 -2.73 3.28
C CYS B 160 0.51 -3.25 1.89
N SER B 161 -0.36 -4.02 1.20
CA SER B 161 -0.13 -4.39 -0.22
C SER B 161 -1.45 -4.36 -0.98
N THR B 162 -1.46 -3.75 -2.17
CA THR B 162 -2.59 -3.85 -3.15
C THR B 162 -2.09 -4.45 -4.47
N ASP B 163 -0.96 -5.15 -4.47
CA ASP B 163 -0.29 -5.66 -5.70
C ASP B 163 -0.85 -7.05 -6.06
N PHE B 164 -2.13 -7.11 -6.45
CA PHE B 164 -2.86 -8.38 -6.71
C PHE B 164 -3.64 -8.30 -8.03
N LYS B 165 -3.31 -7.35 -8.90
CA LYS B 165 -4.12 -7.07 -10.12
C LYS B 165 -4.04 -8.25 -11.10
N THR B 166 -2.98 -9.05 -11.07
CA THR B 166 -2.79 -10.23 -11.97
C THR B 166 -2.85 -11.54 -11.19
N THR B 167 -3.38 -11.53 -9.95
CA THR B 167 -3.60 -12.75 -9.15
C THR B 167 -4.84 -13.44 -9.71
N ARG B 168 -4.66 -14.50 -10.48
CA ARG B 168 -5.79 -15.03 -11.30
C ARG B 168 -6.06 -16.52 -11.06
N SER B 169 -5.03 -17.36 -11.05
CA SER B 169 -5.21 -18.83 -10.98
C SER B 169 -5.61 -19.22 -9.56
N ARG B 170 -6.26 -20.37 -9.44
N ARG B 170 -6.27 -20.37 -9.44
CA ARG B 170 -6.64 -20.97 -8.14
CA ARG B 170 -6.64 -20.98 -8.14
C ARG B 170 -5.39 -21.08 -7.27
C ARG B 170 -5.40 -21.09 -7.26
N GLU B 171 -4.31 -21.62 -7.81
CA GLU B 171 -3.04 -21.79 -7.06
C GLU B 171 -2.47 -20.42 -6.65
N GLN B 172 -2.58 -19.37 -7.48
CA GLN B 172 -2.10 -18.00 -7.14
C GLN B 172 -2.88 -17.45 -5.95
N VAL B 173 -4.20 -17.62 -5.97
CA VAL B 173 -5.08 -17.13 -4.88
C VAL B 173 -4.73 -17.91 -3.61
N LEU B 174 -4.56 -19.23 -3.71
CA LEU B 174 -4.25 -20.08 -2.54
C LEU B 174 -2.95 -19.59 -1.90
N ARG B 175 -1.94 -19.27 -2.71
CA ARG B 175 -0.64 -18.80 -2.18
C ARG B 175 -0.79 -17.46 -1.46
N VAL B 176 -1.66 -16.56 -1.92
CA VAL B 176 -1.90 -15.27 -1.20
C VAL B 176 -2.51 -15.61 0.17
N PHE B 177 -3.49 -16.51 0.22
CA PHE B 177 -4.15 -16.81 1.52
C PHE B 177 -3.16 -17.52 2.44
N GLU B 178 -2.33 -18.40 1.87
CA GLU B 178 -1.27 -19.11 2.63
C GLU B 178 -0.39 -18.07 3.33
N GLU B 179 0.09 -17.08 2.59
CA GLU B 179 0.97 -16.02 3.12
C GLU B 179 0.20 -15.23 4.20
N PHE B 180 -1.06 -14.94 3.93
CA PHE B 180 -1.92 -14.12 4.84
C PHE B 180 -2.07 -14.81 6.21
N VAL B 181 -2.36 -16.10 6.25
CA VAL B 181 -2.66 -16.80 7.54
C VAL B 181 -1.37 -17.24 8.26
N GLN B 182 -0.21 -17.21 7.59
N GLN B 182 -0.22 -17.21 7.56
CA GLN B 182 1.12 -17.51 8.21
CA GLN B 182 1.13 -17.53 8.13
C GLN B 182 1.10 -18.85 8.96
C GLN B 182 1.09 -18.83 8.95
N GLY B 183 0.47 -19.88 8.41
CA GLY B 183 0.46 -21.24 8.97
C GLY B 183 -0.38 -21.39 10.24
N ASP B 184 -1.26 -20.43 10.55
CA ASP B 184 -2.10 -20.48 11.77
C ASP B 184 -3.31 -21.40 11.47
N GLU B 185 -3.24 -22.66 11.89
CA GLU B 185 -4.29 -23.66 11.57
C GLU B 185 -5.60 -23.23 12.21
N GLU B 186 -5.55 -22.65 13.42
CA GLU B 186 -6.76 -22.19 14.15
C GLU B 186 -7.46 -21.08 13.38
N VAL B 187 -6.72 -20.08 12.91
CA VAL B 187 -7.30 -18.94 12.13
C VAL B 187 -7.97 -19.52 10.88
N LEU B 188 -7.29 -20.41 10.15
CA LEU B 188 -7.84 -20.95 8.88
C LEU B 188 -9.15 -21.71 9.19
N ARG B 189 -9.14 -22.54 10.23
CA ARG B 189 -10.34 -23.34 10.64
C ARG B 189 -11.50 -22.39 10.93
N ARG B 190 -11.24 -21.33 11.68
CA ARG B 190 -12.26 -20.32 12.07
C ARG B 190 -12.76 -19.57 10.82
N TYR B 191 -11.86 -19.21 9.90
CA TYR B 191 -12.30 -18.57 8.64
C TYR B 191 -13.25 -19.52 7.89
N LEU B 192 -12.88 -20.79 7.79
CA LEU B 192 -13.68 -21.76 6.99
C LEU B 192 -15.04 -21.98 7.65
N ASN B 193 -15.07 -22.07 8.97
CA ASN B 193 -16.36 -22.26 9.72
C ASN B 193 -17.23 -21.03 9.46
N ARG B 194 -16.66 -19.83 9.49
CA ARG B 194 -17.45 -18.60 9.30
C ARG B 194 -17.94 -18.51 7.85
N LEU B 195 -17.12 -18.88 6.85
CA LEU B 195 -17.56 -18.78 5.44
C LEU B 195 -18.70 -19.78 5.21
N GLN B 196 -18.64 -20.96 5.83
CA GLN B 196 -19.69 -22.00 5.67
C GLN B 196 -21.01 -21.42 6.22
N GLN B 197 -20.95 -20.80 7.39
CA GLN B 197 -22.12 -20.21 8.07
C GLN B 197 -22.64 -19.03 7.25
N ILE B 198 -21.77 -18.17 6.72
CA ILE B 198 -22.21 -17.06 5.83
C ILE B 198 -22.90 -17.63 4.59
N ARG B 199 -22.36 -18.69 4.00
CA ARG B 199 -22.99 -19.26 2.77
C ARG B 199 -24.41 -19.75 3.11
N ASP B 200 -24.55 -20.45 4.22
CA ASP B 200 -25.85 -20.98 4.68
C ASP B 200 -26.82 -19.80 4.89
N THR B 201 -26.36 -18.73 5.51
CA THR B 201 -27.18 -17.52 5.73
C THR B 201 -27.58 -16.86 4.41
N LEU B 202 -26.65 -16.67 3.48
CA LEU B 202 -26.99 -16.07 2.16
C LEU B 202 -28.05 -16.91 1.45
N GLU B 203 -27.96 -18.24 1.54
CA GLU B 203 -28.87 -19.13 0.78
C GLU B 203 -30.30 -19.03 1.31
N VAL B 204 -30.52 -18.51 2.52
CA VAL B 204 -31.89 -18.36 3.11
C VAL B 204 -32.30 -16.89 3.24
N SER B 205 -31.37 -15.94 3.07
CA SER B 205 -31.61 -14.49 3.23
C SER B 205 -32.68 -13.95 2.25
N GLU B 206 -33.69 -13.24 2.79
CA GLU B 206 -34.73 -12.59 1.95
C GLU B 206 -34.11 -11.42 1.18
N PHE B 207 -33.24 -10.67 1.83
CA PHE B 207 -32.52 -9.55 1.22
C PHE B 207 -31.74 -10.08 0.02
N PHE B 208 -30.97 -11.14 0.24
CA PHE B 208 -29.97 -11.59 -0.76
C PHE B 208 -30.66 -12.06 -2.05
N ARG B 209 -31.74 -12.81 -1.93
CA ARG B 209 -32.43 -13.34 -3.13
C ARG B 209 -33.04 -12.20 -3.95
N ARG B 210 -33.33 -11.04 -3.34
CA ARG B 210 -34.05 -9.93 -4.03
C ARG B 210 -33.11 -8.78 -4.41
N HIS B 211 -31.79 -8.92 -4.21
CA HIS B 211 -30.84 -7.82 -4.48
C HIS B 211 -29.70 -8.29 -5.37
N GLU B 212 -29.30 -7.41 -6.28
CA GLU B 212 -28.10 -7.59 -7.12
C GLU B 212 -26.94 -7.02 -6.31
N VAL B 213 -25.95 -7.84 -5.99
CA VAL B 213 -24.88 -7.42 -5.04
C VAL B 213 -23.58 -7.20 -5.81
N ILE B 214 -23.32 -5.96 -6.19
CA ILE B 214 -22.16 -5.59 -7.04
C ILE B 214 -21.20 -4.74 -6.22
N GLY B 215 -19.90 -5.03 -6.29
CA GLY B 215 -18.85 -4.18 -5.70
C GLY B 215 -18.72 -4.34 -4.20
N SER B 216 -19.33 -5.38 -3.61
CA SER B 216 -19.23 -5.62 -2.15
C SER B 216 -17.98 -6.46 -1.89
N SER B 217 -17.51 -6.46 -0.66
CA SER B 217 -16.34 -7.27 -0.28
C SER B 217 -16.69 -8.20 0.88
N LEU B 218 -15.91 -9.24 1.02
CA LEU B 218 -15.76 -9.99 2.27
C LEU B 218 -14.50 -9.48 2.94
N LEU B 219 -14.59 -9.05 4.19
CA LEU B 219 -13.42 -8.56 4.94
C LEU B 219 -12.98 -9.65 5.91
N PHE B 220 -11.78 -10.18 5.73
CA PHE B 220 -11.18 -11.20 6.61
C PHE B 220 -10.31 -10.48 7.63
N VAL B 221 -10.56 -10.74 8.89
CA VAL B 221 -9.74 -10.10 9.96
C VAL B 221 -9.24 -11.19 10.89
N HIS B 222 -7.96 -11.20 11.20
CA HIS B 222 -7.46 -12.15 12.25
C HIS B 222 -6.33 -11.50 13.04
N ASP B 223 -5.98 -12.10 14.18
CA ASP B 223 -4.88 -11.57 15.02
C ASP B 223 -4.02 -12.72 15.54
N HIS B 224 -2.91 -12.36 16.20
CA HIS B 224 -1.90 -13.29 16.73
C HIS B 224 -2.49 -14.14 17.87
N CYS B 225 -3.59 -13.71 18.48
CA CYS B 225 -4.34 -14.46 19.55
C CYS B 225 -5.32 -15.45 18.91
N HIS B 226 -5.29 -15.60 17.59
CA HIS B 226 -6.06 -16.61 16.80
C HIS B 226 -7.53 -16.19 16.67
N ARG B 227 -7.90 -14.97 17.03
CA ARG B 227 -9.28 -14.47 16.75
C ARG B 227 -9.42 -14.32 15.23
N ALA B 228 -10.56 -14.69 14.65
CA ALA B 228 -10.76 -14.66 13.19
C ALA B 228 -12.19 -14.30 12.94
N GLY B 229 -12.45 -13.35 12.05
CA GLY B 229 -13.80 -12.91 11.69
C GLY B 229 -13.90 -12.67 10.21
N VAL B 230 -15.10 -12.78 9.64
CA VAL B 230 -15.35 -12.39 8.23
C VAL B 230 -16.68 -11.65 8.19
N TRP B 231 -16.76 -10.54 7.45
CA TRP B 231 -18.02 -9.80 7.29
C TRP B 231 -18.18 -9.37 5.84
N LEU B 232 -19.42 -9.22 5.37
CA LEU B 232 -19.73 -8.54 4.10
C LEU B 232 -19.72 -7.05 4.36
N ILE B 233 -19.09 -6.28 3.49
CA ILE B 233 -19.06 -4.80 3.58
C ILE B 233 -19.30 -4.20 2.19
N ASP B 234 -19.65 -2.92 2.17
CA ASP B 234 -19.74 -2.03 0.97
C ASP B 234 -20.97 -2.41 0.15
N PHE B 235 -22.10 -1.79 0.47
CA PHE B 235 -23.41 -2.01 -0.20
C PHE B 235 -23.75 -0.80 -1.08
N GLY B 236 -22.72 -0.07 -1.52
CA GLY B 236 -22.89 1.16 -2.32
C GLY B 236 -23.44 0.87 -3.70
N LYS B 237 -23.24 -0.35 -4.22
CA LYS B 237 -23.76 -0.73 -5.57
C LYS B 237 -24.70 -1.92 -5.47
N THR B 238 -25.29 -2.16 -4.30
CA THR B 238 -26.29 -3.23 -4.12
C THR B 238 -27.69 -2.63 -4.31
N THR B 239 -28.47 -3.17 -5.25
CA THR B 239 -29.80 -2.58 -5.60
C THR B 239 -30.86 -3.67 -5.70
N PRO B 240 -32.13 -3.32 -5.37
CA PRO B 240 -33.22 -4.28 -5.39
C PRO B 240 -33.60 -4.63 -6.84
N LEU B 241 -34.11 -5.83 -6.99
CA LEU B 241 -34.71 -6.30 -8.26
C LEU B 241 -36.16 -5.82 -8.31
N PRO B 242 -36.77 -5.76 -9.52
CA PRO B 242 -38.19 -5.47 -9.68
C PRO B 242 -39.07 -6.45 -8.90
N ASP B 243 -40.26 -6.00 -8.47
CA ASP B 243 -41.10 -6.73 -7.49
C ASP B 243 -41.25 -8.20 -7.92
N GLY B 244 -41.00 -9.13 -6.99
CA GLY B 244 -41.21 -10.58 -7.17
C GLY B 244 -40.03 -11.30 -7.80
N GLN B 245 -39.15 -10.60 -8.52
N GLN B 245 -39.16 -10.59 -8.54
CA GLN B 245 -38.00 -11.20 -9.24
CA GLN B 245 -37.98 -11.17 -9.25
C GLN B 245 -36.85 -11.47 -8.25
C GLN B 245 -36.87 -11.49 -8.24
N ILE B 246 -36.15 -12.58 -8.47
CA ILE B 246 -35.00 -13.01 -7.60
C ILE B 246 -33.81 -13.35 -8.49
N LEU B 247 -32.62 -13.44 -7.89
CA LEU B 247 -31.39 -13.98 -8.52
C LEU B 247 -31.03 -15.30 -7.83
N ASP B 248 -30.33 -16.20 -8.52
CA ASP B 248 -29.81 -17.42 -7.85
C ASP B 248 -28.33 -17.18 -7.46
N HIS B 249 -27.67 -16.20 -8.08
CA HIS B 249 -26.33 -15.70 -7.70
C HIS B 249 -25.25 -16.77 -8.00
N ARG B 250 -25.58 -17.77 -8.80
CA ARG B 250 -24.58 -18.73 -9.31
C ARG B 250 -24.50 -18.71 -10.83
N ARG B 251 -25.61 -18.47 -11.53
CA ARG B 251 -25.60 -18.66 -13.00
C ARG B 251 -24.80 -17.53 -13.66
N PRO B 252 -24.28 -17.76 -14.88
CA PRO B 252 -23.55 -16.72 -15.61
C PRO B 252 -24.34 -15.42 -15.83
N TRP B 253 -23.62 -14.31 -15.74
CA TRP B 253 -24.18 -12.98 -16.07
C TRP B 253 -24.36 -12.90 -17.58
N GLU B 254 -25.57 -12.56 -18.00
CA GLU B 254 -25.92 -12.19 -19.40
C GLU B 254 -26.64 -10.85 -19.33
N GLU B 255 -26.16 -9.84 -20.05
CA GLU B 255 -26.72 -8.47 -19.97
C GLU B 255 -28.25 -8.54 -19.98
N GLY B 256 -28.89 -7.99 -18.95
CA GLY B 256 -30.34 -8.05 -18.75
C GLY B 256 -30.75 -8.89 -17.56
N ASN B 257 -29.95 -9.90 -17.15
CA ASN B 257 -30.39 -10.84 -16.08
C ASN B 257 -29.89 -10.36 -14.70
N ARG B 258 -29.00 -9.36 -14.67
CA ARG B 258 -28.54 -8.71 -13.43
C ARG B 258 -27.83 -9.71 -12.49
N GLU B 259 -27.45 -10.89 -12.98
CA GLU B 259 -26.79 -11.92 -12.12
C GLU B 259 -25.35 -11.47 -11.79
N ASP B 260 -24.86 -11.81 -10.60
CA ASP B 260 -23.61 -11.20 -10.06
C ASP B 260 -22.56 -12.28 -9.77
N GLY B 261 -22.90 -13.57 -9.83
CA GLY B 261 -21.97 -14.68 -9.53
C GLY B 261 -21.45 -14.66 -8.10
N TYR B 262 -22.14 -13.98 -7.19
CA TYR B 262 -21.69 -13.82 -5.79
C TYR B 262 -21.44 -15.20 -5.18
N LEU B 263 -22.40 -16.13 -5.27
CA LEU B 263 -22.26 -17.45 -4.59
C LEU B 263 -21.27 -18.35 -5.34
N LEU B 264 -21.11 -18.18 -6.64
CA LEU B 264 -20.02 -18.85 -7.38
C LEU B 264 -18.69 -18.47 -6.72
N GLY B 265 -18.49 -17.18 -6.50
CA GLY B 265 -17.30 -16.65 -5.81
C GLY B 265 -17.14 -17.29 -4.43
N LEU B 266 -18.18 -17.27 -3.61
CA LEU B 266 -18.07 -17.80 -2.22
C LEU B 266 -17.80 -19.31 -2.28
N ASP B 267 -18.44 -20.03 -3.17
CA ASP B 267 -18.18 -21.49 -3.33
C ASP B 267 -16.68 -21.72 -3.62
N ASN B 268 -16.10 -20.95 -4.54
CA ASN B 268 -14.70 -21.11 -4.97
C ASN B 268 -13.78 -20.72 -3.82
N LEU B 269 -14.13 -19.67 -3.08
CA LEU B 269 -13.32 -19.19 -1.94
C LEU B 269 -13.28 -20.28 -0.86
N ILE B 270 -14.42 -20.84 -0.51
CA ILE B 270 -14.49 -21.97 0.46
C ILE B 270 -13.64 -23.12 -0.06
N GLY B 271 -13.75 -23.46 -1.34
CA GLY B 271 -12.97 -24.58 -1.93
C GLY B 271 -11.48 -24.35 -1.77
N ILE B 272 -11.03 -23.12 -2.00
CA ILE B 272 -9.59 -22.75 -1.97
C ILE B 272 -9.09 -22.84 -0.53
N LEU B 273 -9.82 -22.28 0.44
CA LEU B 273 -9.42 -22.32 1.87
C LEU B 273 -9.43 -23.77 2.37
N ALA B 274 -10.42 -24.59 1.98
CA ALA B 274 -10.51 -26.02 2.36
C ALA B 274 -9.28 -26.77 1.81
N SER B 275 -8.85 -26.47 0.57
CA SER B 275 -7.64 -27.07 -0.04
C SER B 275 -6.42 -26.70 0.81
N LEU B 276 -6.28 -25.42 1.12
CA LEU B 276 -5.15 -24.84 1.88
C LEU B 276 -5.06 -25.53 3.24
N ALA B 277 -6.21 -25.80 3.88
CA ALA B 277 -6.31 -26.43 5.21
C ALA B 277 -5.78 -27.88 5.19
N GLU B 278 -5.81 -28.56 4.04
CA GLU B 278 -5.37 -29.98 3.92
C GLU B 278 -3.90 -30.09 3.46
N ARG B 279 -3.22 -28.97 3.21
CA ARG B 279 -1.78 -28.94 2.80
C ARG B 279 -0.88 -28.68 4.02
PG ANP C . 9.13 8.99 5.62
O1G ANP C . 8.76 9.14 7.10
O2G ANP C . 10.64 9.05 5.46
O3G ANP C . 8.71 7.63 5.13
PB ANP C . 8.61 11.75 4.68
O1B ANP C . 9.86 12.14 5.42
O2B ANP C . 7.35 12.54 4.94
N3B ANP C . 8.38 10.12 4.69
PA ANP C . 9.95 11.54 2.04
O1A ANP C . 10.77 12.73 1.66
O2A ANP C . 10.72 10.39 2.57
O3A ANP C . 8.81 12.02 3.09
O5' ANP C . 9.11 11.06 0.77
C5' ANP C . 7.98 10.14 0.87
C4' ANP C . 7.59 9.68 -0.52
O4' ANP C . 7.06 10.79 -1.28
C3' ANP C . 8.73 9.15 -1.39
O3' ANP C . 8.98 7.77 -1.13
C2' ANP C . 8.17 9.38 -2.80
O2' ANP C . 7.27 8.38 -3.22
C1' ANP C . 7.46 10.71 -2.63
N9 ANP C . 8.31 11.89 -2.92
C8 ANP C . 9.15 12.52 -2.04
N7 ANP C . 9.75 13.56 -2.58
C5 ANP C . 9.27 13.62 -3.87
C6 ANP C . 9.51 14.51 -4.93
N6 ANP C . 10.32 15.56 -4.84
N1 ANP C . 8.81 14.31 -6.09
C2 ANP C . 8.00 13.25 -6.16
N3 ANP C . 7.71 12.33 -5.23
C4 ANP C . 8.37 12.59 -4.09
C1 06G D . 10.28 6.60 11.50
O1 06G D . 10.37 8.01 11.19
C2 06G D . 10.28 5.82 10.19
C3 06G D . 10.04 4.36 10.50
C4 06G D . 8.75 4.14 11.27
C5 06G D . 8.77 4.88 12.58
C6 06G D . 9.00 6.34 12.27
O13 06G D . 12.43 8.68 12.44
O41 06G D . 8.13 0.24 11.12
P4 06G D . 7.83 1.63 10.62
O42 06G D . 8.30 1.83 9.19
O43 06G D . 6.38 2.04 10.82
O4 06G D . 8.64 2.73 11.51
O3 06G D . 9.99 3.61 9.30
O2 06G D . 9.27 6.36 9.35
P1 06G D . 11.78 8.81 11.08
O11 06G D . 12.60 8.16 9.98
O12 06G D . 11.42 10.24 10.77
O6 06G D . 9.06 7.06 13.52
P6 06G D . 7.98 7.97 14.31
O61 06G D . 7.66 9.11 13.36
O62 06G D . 6.81 7.05 14.56
O63 06G D . 8.68 8.42 15.58
O5 06G D . 7.55 4.73 13.31
S SO4 E . 26.32 -12.65 -8.43
O1 SO4 E . 26.81 -11.64 -9.33
O2 SO4 E . 25.82 -13.76 -9.18
O3 SO4 E . 27.39 -13.07 -7.57
O4 SO4 E . 25.25 -12.11 -7.62
S SO4 F . 11.61 -14.09 -0.74
O1 SO4 F . 12.43 -13.50 -1.78
O2 SO4 F . 10.46 -14.71 -1.36
O3 SO4 F . 12.38 -15.08 -0.03
O4 SO4 F . 11.18 -13.08 0.18
S SO4 G . 17.61 -16.38 0.25
O1 SO4 G . 17.30 -16.29 -1.15
O2 SO4 G . 17.59 -17.77 0.64
O3 SO4 G . 18.92 -15.83 0.49
O4 SO4 G . 16.63 -15.67 1.01
MN MN H . 11.55 11.24 6.74
MN MN I . 11.77 9.48 4.06
PG ANP J . -14.19 1.18 -2.49
O1G ANP J . -12.79 0.90 -2.98
O2G ANP J . -14.97 -0.11 -2.50
O3G ANP J . -14.85 2.16 -3.45
PB ANP J . -15.35 2.28 -0.03
O1B ANP J . -15.10 3.65 0.54
O2B ANP J . -16.72 1.94 -0.57
N3B ANP J . -14.11 1.77 -0.97
PA ANP J . -15.33 -0.15 1.72
O1A ANP J . -16.67 -0.29 2.39
O2A ANP J . -15.01 -1.06 0.58
O3A ANP J . -15.17 1.39 1.30
O5' ANP J . -14.19 -0.27 2.82
C5' ANP J . -12.81 0.01 2.48
C4' ANP J . -11.95 -0.54 3.58
O4' ANP J . -12.35 0.07 4.84
C3' ANP J . -12.10 -2.04 3.82
O3' ANP J . -11.22 -2.82 3.01
C2' ANP J . -11.70 -2.17 5.29
O2' ANP J . -10.30 -2.20 5.45
C1' ANP J . -12.28 -0.88 5.88
N9 ANP J . -13.61 -1.01 6.45
C8 ANP J . -14.83 -0.82 5.84
N7 ANP J . -15.85 -0.93 6.66
C5 ANP J . -15.27 -1.18 7.89
C6 ANP J . -15.82 -1.38 9.17
N6 ANP J . -17.13 -1.33 9.41
N1 ANP J . -14.96 -1.59 10.18
C2 ANP J . -13.65 -1.63 9.92
N3 ANP J . -13.00 -1.46 8.77
C4 ANP J . -13.89 -1.23 7.78
C1 06G K . -14.27 1.37 -8.81
O1 06G K . -15.28 1.94 -7.95
C2 06G K . -13.40 0.39 -8.04
C3 06G K . -12.27 -0.11 -8.92
C4 06G K . -11.44 1.06 -9.45
C5 06G K . -12.31 2.03 -10.25
C6 06G K . -13.43 2.49 -9.33
O13 06G K . -17.17 1.31 -9.31
O41 06G K . -8.16 -0.59 -10.90
P4 06G K . -8.87 0.21 -9.84
O42 06G K . -9.13 -0.58 -8.57
O43 06G K . -8.22 1.55 -9.57
O4 06G K . -10.39 0.58 -10.31
O3 06G K . -11.45 -1.00 -8.18
O2 06G K . -12.86 1.04 -6.88
P1 06G K . -16.81 1.39 -7.84
O11 06G K . -17.69 2.34 -7.06
O12 06G K . -16.69 0.03 -7.18
O6 06G K . -14.29 3.39 -10.05
P6 06G K . -14.33 5.01 -10.07
O61 06G K . -13.04 5.28 -10.80
O62 06G K . -15.59 5.39 -10.82
O63 06G K . -14.34 5.47 -8.62
O5 06G K . -11.52 3.13 -10.69
S SO4 L . -6.01 -29.50 -3.42
O1 SO4 L . -6.00 -28.27 -4.17
O2 SO4 L . -5.49 -30.57 -4.23
O3 SO4 L . -5.16 -29.35 -2.25
O4 SO4 L . -7.36 -29.81 -2.99
S SO4 M . -6.33 -22.61 -12.44
O1 SO4 M . -5.65 -22.27 -13.67
O2 SO4 M . -7.24 -23.70 -12.69
O3 SO4 M . -5.37 -23.00 -11.43
O4 SO4 M . -7.09 -21.47 -11.97
S SO4 N . 2.59 -16.17 -8.04
O1 SO4 N . 1.82 -15.08 -8.61
O2 SO4 N . 2.98 -17.07 -9.08
O3 SO4 N . 3.76 -15.64 -7.40
O4 SO4 N . 1.79 -16.87 -7.06
#